data_9JZ6
#
_entry.id   9JZ6
#
_cell.length_a   69.108
_cell.length_b   69.108
_cell.length_c   79.927
_cell.angle_alpha   90.00
_cell.angle_beta   90.00
_cell.angle_gamma   120.00
#
_symmetry.space_group_name_H-M   'P 31 2 1'
#
loop_
_entity.id
_entity.type
_entity.pdbx_description
1 polymer 'Peptidyl-prolyl cis-trans isomerase NIMA-interacting 1'
2 non-polymer 1,3,4-thiadiazol-2-amine
3 non-polymer 3,6,9,12,15,18,21-HEPTAOXATRICOSANE-1,23-DIOL
4 non-polymer 'SULFATE ION'
5 water water
#
_entity_poly.entity_id   1
_entity_poly.type   'polypeptide(L)'
_entity_poly.pdbx_seq_one_letter_code
;MADEEKLPPGWEKAMSRSSGRVYYFNHITNASQWERPSGNSSSGGKNGQGEPARVRCSHLLVKHSQSRRPSSWRQEKITR
TKEEALELINGYIQKIKSGEEDFESLASQFSDCSSAKARGDLGAFSRGQMQKPFEDASFALRTGEMSGPVFTDSGIHIIL
RTE
;
_entity_poly.pdbx_strand_id   A
#
loop_
_chem_comp.id
_chem_comp.type
_chem_comp.name
_chem_comp.formula
A1ED7 non-polymer 1,3,4-thiadiazol-2-amine 'C2 H3 N3 S'
PE8 non-polymer 3,6,9,12,15,18,21-HEPTAOXATRICOSANE-1,23-DIOL 'C16 H34 O9'
SO4 non-polymer 'SULFATE ION' 'O4 S -2'
#
# COMPACT_ATOMS: atom_id res chain seq x y z
N LYS A 6 24.64 2.62 -2.75
CA LYS A 6 24.24 3.43 -1.61
C LYS A 6 23.15 2.74 -0.78
N LEU A 7 21.92 2.80 -1.25
CA LEU A 7 20.72 2.40 -0.53
C LEU A 7 20.04 1.21 -1.21
N PRO A 8 19.15 0.50 -0.50
CA PRO A 8 18.44 -0.64 -1.11
C PRO A 8 17.55 -0.20 -2.26
N PRO A 9 17.04 -1.14 -3.07
CA PRO A 9 16.36 -0.76 -4.32
C PRO A 9 15.15 0.14 -4.08
N GLY A 10 15.06 1.20 -4.89
CA GLY A 10 13.96 2.14 -4.82
C GLY A 10 14.16 3.31 -3.88
N TRP A 11 15.10 3.21 -2.93
CA TRP A 11 15.24 4.19 -1.87
C TRP A 11 16.13 5.36 -2.29
N GLU A 12 15.71 6.57 -1.93
CA GLU A 12 16.49 7.78 -2.19
C GLU A 12 16.39 8.69 -0.98
N LYS A 13 17.37 9.58 -0.82
CA LYS A 13 17.35 10.53 0.26
C LYS A 13 16.62 11.80 -0.16
N ALA A 14 15.87 12.39 0.76
CA ALA A 14 15.05 13.55 0.46
C ALA A 14 15.17 14.53 1.61
N MET A 15 14.60 15.71 1.41
CA MET A 15 14.66 16.78 2.39
C MET A 15 13.25 17.18 2.83
N SER A 16 13.02 17.19 4.14
CA SER A 16 11.71 17.57 4.66
C SER A 16 11.48 19.07 4.51
N ARG A 17 10.32 19.44 3.93
CA ARG A 17 9.97 20.84 3.75
C ARG A 17 9.59 21.51 5.05
N SER A 18 9.01 20.76 5.99
CA SER A 18 8.56 21.35 7.24
C SER A 18 9.72 21.49 8.23
N SER A 19 10.48 20.42 8.41
CA SER A 19 11.50 20.38 9.44
C SER A 19 12.92 20.64 8.95
N GLY A 20 13.19 20.45 7.65
CA GLY A 20 14.55 20.59 7.17
C GLY A 20 15.47 19.44 7.48
N ARG A 21 14.94 18.33 7.99
CA ARG A 21 15.69 17.11 8.26
C ARG A 21 15.64 16.16 7.06
N VAL A 22 16.70 15.38 6.89
CA VAL A 22 16.70 14.40 5.82
C VAL A 22 15.71 13.28 6.15
N TYR A 23 15.12 12.72 5.11
CA TYR A 23 14.32 11.51 5.25
C TYR A 23 14.58 10.64 4.03
N TYR A 24 13.88 9.51 3.97
CA TYR A 24 14.09 8.53 2.92
C TYR A 24 12.76 8.20 2.26
N PHE A 25 12.79 8.14 0.93
CA PHE A 25 11.62 7.90 0.09
C PHE A 25 11.90 6.77 -0.87
N ASN A 26 10.94 5.87 -1.03
CA ASN A 26 11.05 4.78 -2.00
C ASN A 26 10.10 5.03 -3.16
N HIS A 27 10.65 5.20 -4.35
CA HIS A 27 9.81 5.55 -5.51
C HIS A 27 9.10 4.35 -6.12
N ILE A 28 9.35 3.13 -5.63
CA ILE A 28 8.63 1.96 -6.09
C ILE A 28 7.46 1.64 -5.18
N THR A 29 7.62 1.84 -3.88
CA THR A 29 6.59 1.53 -2.91
C THR A 29 5.84 2.76 -2.41
N ASN A 30 6.38 3.96 -2.68
CA ASN A 30 5.88 5.24 -2.14
C ASN A 30 5.96 5.28 -0.61
N ALA A 31 6.79 4.44 0.00
CA ALA A 31 7.02 4.52 1.43
C ALA A 31 7.97 5.67 1.76
N SER A 32 7.79 6.25 2.94
CA SER A 32 8.71 7.28 3.39
C SER A 32 8.90 7.14 4.89
N GLN A 33 10.12 7.45 5.34
CA GLN A 33 10.46 7.27 6.74
C GLN A 33 11.65 8.15 7.10
N TRP A 34 11.80 8.44 8.39
CA TRP A 34 12.93 9.26 8.83
C TRP A 34 14.23 8.48 8.84
N GLU A 35 14.19 7.21 9.23
CA GLU A 35 15.42 6.48 9.50
C GLU A 35 15.89 5.71 8.27
N ARG A 36 17.22 5.62 8.13
CA ARG A 36 17.83 4.97 6.98
C ARG A 36 17.28 3.55 6.85
N PRO A 37 16.85 3.14 5.66
CA PRO A 37 16.21 1.83 5.50
C PRO A 37 17.12 0.69 5.93
N SER A 38 16.51 -0.42 6.34
CA SER A 38 17.28 -1.62 6.64
C SER A 38 17.82 -2.21 5.34
N GLY A 39 19.11 -2.49 5.31
CA GLY A 39 19.77 -2.97 4.10
C GLY A 39 20.66 -1.92 3.45
N GLU A 51 16.63 -11.29 -4.93
CA GLU A 51 15.26 -11.17 -4.47
C GLU A 51 14.58 -12.54 -4.50
N PRO A 52 13.62 -12.75 -3.61
CA PRO A 52 13.01 -14.09 -3.48
C PRO A 52 12.13 -14.41 -4.68
N ALA A 53 11.85 -15.71 -4.84
CA ALA A 53 10.93 -16.13 -5.88
C ALA A 53 9.50 -15.73 -5.54
N ARG A 54 9.18 -15.64 -4.25
CA ARG A 54 7.81 -15.39 -3.82
C ARG A 54 7.81 -14.49 -2.61
N VAL A 55 6.77 -13.66 -2.50
CA VAL A 55 6.49 -12.87 -1.31
C VAL A 55 5.02 -13.10 -0.97
N ARG A 56 4.70 -12.84 0.30
CA ARG A 56 3.32 -12.87 0.78
C ARG A 56 2.93 -11.47 1.26
N CYS A 57 1.80 -10.96 0.79
CA CYS A 57 1.35 -9.64 1.21
C CYS A 57 -0.14 -9.62 1.53
N SER A 58 -0.50 -8.66 2.38
CA SER A 58 -1.87 -8.22 2.57
C SER A 58 -2.03 -6.83 1.96
N HIS A 59 -3.27 -6.46 1.66
CA HIS A 59 -3.46 -5.12 1.14
C HIS A 59 -4.81 -4.56 1.59
N LEU A 60 -4.92 -3.24 1.52
CA LEU A 60 -6.18 -2.55 1.71
C LEU A 60 -6.39 -1.76 0.44
N LEU A 61 -7.48 -2.01 -0.26
CA LEU A 61 -7.79 -1.30 -1.50
C LEU A 61 -8.88 -0.26 -1.28
N VAL A 62 -8.70 0.94 -1.85
CA VAL A 62 -9.77 1.91 -1.87
C VAL A 62 -10.07 2.18 -3.34
N LYS A 63 -11.28 1.82 -3.76
CA LYS A 63 -11.68 1.96 -5.14
C LYS A 63 -12.23 3.36 -5.38
N HIS A 64 -12.35 3.75 -6.65
CA HIS A 64 -12.90 5.05 -7.00
C HIS A 64 -13.65 4.90 -8.32
N SER A 65 -14.12 6.03 -8.87
CA SER A 65 -14.99 5.98 -10.03
C SER A 65 -14.26 5.55 -11.30
N GLN A 66 -12.94 5.70 -11.36
CA GLN A 66 -12.22 5.27 -12.56
C GLN A 66 -11.63 3.87 -12.39
N SER A 67 -11.96 3.18 -11.30
CA SER A 67 -11.55 1.81 -11.10
C SER A 67 -12.15 0.90 -12.18
N ARG A 68 -11.40 -0.13 -12.57
CA ARG A 68 -11.86 -1.12 -13.55
C ARG A 68 -13.29 -1.58 -13.27
N ARG A 69 -13.57 -1.98 -12.03
CA ARG A 69 -14.92 -2.32 -11.59
C ARG A 69 -15.31 -1.42 -10.43
N PRO A 70 -16.03 -0.32 -10.67
CA PRO A 70 -16.45 0.61 -9.60
C PRO A 70 -17.55 0.01 -8.72
N SER A 71 -17.24 -1.13 -8.11
CA SER A 71 -18.17 -1.89 -7.28
C SER A 71 -17.35 -2.68 -6.28
N SER A 72 -17.96 -2.98 -5.14
CA SER A 72 -17.31 -3.80 -4.14
C SER A 72 -18.36 -4.36 -3.20
N TRP A 73 -17.92 -5.24 -2.29
CA TRP A 73 -18.82 -5.75 -1.25
C TRP A 73 -19.32 -4.63 -0.35
N ARG A 74 -18.57 -3.52 -0.25
CA ARG A 74 -19.00 -2.40 0.58
C ARG A 74 -20.03 -1.53 -0.11
N GLN A 75 -19.96 -1.41 -1.44
CA GLN A 75 -20.76 -0.44 -2.18
C GLN A 75 -21.06 -1.00 -3.57
N GLU A 76 -22.35 -1.11 -3.90
CA GLU A 76 -22.72 -1.59 -5.22
C GLU A 76 -22.21 -0.66 -6.31
N LYS A 77 -22.36 0.65 -6.13
CA LYS A 77 -21.83 1.62 -7.09
C LYS A 77 -20.88 2.55 -6.35
N ILE A 78 -19.58 2.42 -6.63
CA ILE A 78 -18.58 3.27 -6.02
C ILE A 78 -18.47 4.56 -6.83
N THR A 79 -18.63 5.69 -6.15
CA THR A 79 -18.72 6.99 -6.80
C THR A 79 -17.62 7.96 -6.41
N ARG A 80 -16.88 7.68 -5.33
CA ARG A 80 -15.85 8.62 -4.87
C ARG A 80 -14.82 8.86 -5.97
N THR A 81 -14.27 10.07 -5.98
CA THR A 81 -13.24 10.44 -6.92
C THR A 81 -11.90 9.80 -6.54
N LYS A 82 -10.99 9.79 -7.53
CA LYS A 82 -9.63 9.32 -7.27
C LYS A 82 -8.97 10.16 -6.18
N GLU A 83 -9.23 11.46 -6.17
CA GLU A 83 -8.64 12.32 -5.16
C GLU A 83 -9.19 12.00 -3.78
N GLU A 84 -10.50 11.72 -3.70
CA GLU A 84 -11.12 11.32 -2.43
C GLU A 84 -10.55 10.00 -1.95
N ALA A 85 -10.34 9.05 -2.87
CA ALA A 85 -9.79 7.74 -2.49
C ALA A 85 -8.38 7.88 -1.93
N LEU A 86 -7.57 8.75 -2.55
CA LEU A 86 -6.21 8.98 -2.05
C LEU A 86 -6.24 9.58 -0.65
N GLU A 87 -7.20 10.48 -0.38
CA GLU A 87 -7.29 11.09 0.94
C GLU A 87 -7.62 10.04 2.00
N LEU A 88 -8.54 9.14 1.67
CA LEU A 88 -8.86 8.04 2.58
C LEU A 88 -7.64 7.16 2.83
N ILE A 89 -6.89 6.83 1.77
CA ILE A 89 -5.68 6.03 1.91
C ILE A 89 -4.68 6.72 2.82
N ASN A 90 -4.46 8.01 2.59
CA ASN A 90 -3.53 8.75 3.44
C ASN A 90 -3.97 8.73 4.89
N GLY A 91 -5.27 8.84 5.15
CA GLY A 91 -5.75 8.79 6.52
C GLY A 91 -5.56 7.42 7.16
N TYR A 92 -5.79 6.35 6.39
CA TYR A 92 -5.53 5.02 6.96
C TYR A 92 -4.05 4.84 7.26
N ILE A 93 -3.17 5.33 6.39
CA ILE A 93 -1.74 5.23 6.66
C ILE A 93 -1.39 5.94 7.95
N GLN A 94 -2.00 7.11 8.18
CA GLN A 94 -1.71 7.87 9.39
C GLN A 94 -2.10 7.09 10.63
N LYS A 95 -3.29 6.51 10.63
CA LYS A 95 -3.78 5.74 11.78
C LYS A 95 -2.93 4.50 12.02
N ILE A 96 -2.46 3.86 10.95
CA ILE A 96 -1.62 2.68 11.11
C ILE A 96 -0.28 3.06 11.72
N LYS A 97 0.36 4.11 11.16
CA LYS A 97 1.68 4.50 11.65
C LYS A 97 1.64 5.05 13.07
N SER A 98 0.54 5.66 13.49
CA SER A 98 0.45 6.15 14.85
C SER A 98 0.05 5.08 15.84
N GLY A 99 -0.38 3.92 15.35
CA GLY A 99 -0.82 2.85 16.20
C GLY A 99 -2.23 2.98 16.73
N GLU A 100 -2.97 4.02 16.31
CA GLU A 100 -4.38 4.09 16.66
C GLU A 100 -5.17 2.94 16.04
N GLU A 101 -4.71 2.42 14.90
CA GLU A 101 -5.37 1.30 14.23
C GLU A 101 -4.32 0.33 13.70
N ASP A 102 -4.72 -0.93 13.54
CA ASP A 102 -3.87 -1.92 12.92
C ASP A 102 -4.25 -2.11 11.46
N PHE A 103 -3.26 -2.50 10.66
CA PHE A 103 -3.46 -2.70 9.23
C PHE A 103 -4.59 -3.68 8.96
N GLU A 104 -4.55 -4.87 9.59
CA GLU A 104 -5.55 -5.90 9.31
C GLU A 104 -6.95 -5.50 9.70
N SER A 105 -7.10 -4.74 10.79
CA SER A 105 -8.43 -4.30 11.20
C SER A 105 -9.01 -3.30 10.20
N LEU A 106 -8.21 -2.33 9.75
CA LEU A 106 -8.68 -1.41 8.72
C LEU A 106 -8.99 -2.15 7.42
N ALA A 107 -8.15 -3.12 7.06
CA ALA A 107 -8.42 -3.85 5.82
C ALA A 107 -9.73 -4.60 5.91
N SER A 108 -9.99 -5.26 7.04
CA SER A 108 -11.23 -6.02 7.17
C SER A 108 -12.45 -5.11 7.12
N GLN A 109 -12.33 -3.88 7.60
CA GLN A 109 -13.48 -2.98 7.66
C GLN A 109 -13.67 -2.16 6.39
N PHE A 110 -12.58 -1.78 5.70
CA PHE A 110 -12.65 -0.75 4.68
C PHE A 110 -12.04 -1.09 3.33
N SER A 111 -11.39 -2.24 3.17
CA SER A 111 -10.88 -2.57 1.85
C SER A 111 -12.02 -2.94 0.91
N ASP A 112 -12.02 -2.33 -0.30
CA ASP A 112 -12.93 -2.64 -1.38
C ASP A 112 -12.55 -3.90 -2.14
N CYS A 113 -11.71 -4.76 -1.56
CA CYS A 113 -11.33 -6.02 -2.16
C CYS A 113 -12.02 -7.17 -1.44
N SER A 114 -12.29 -8.25 -2.16
CA SER A 114 -12.89 -9.41 -1.50
C SER A 114 -11.96 -10.00 -0.44
N SER A 115 -10.66 -9.72 -0.53
CA SER A 115 -9.71 -10.21 0.47
C SER A 115 -9.89 -9.55 1.83
N ALA A 116 -10.76 -8.55 1.93
CA ALA A 116 -11.06 -7.93 3.21
C ALA A 116 -11.48 -8.98 4.25
N LYS A 117 -12.26 -9.97 3.83
CA LYS A 117 -12.70 -11.03 4.75
C LYS A 117 -11.54 -11.87 5.28
N ALA A 118 -10.37 -11.79 4.68
CA ALA A 118 -9.18 -12.49 5.15
C ALA A 118 -8.13 -11.53 5.67
N ARG A 119 -8.59 -10.43 6.27
CA ARG A 119 -7.72 -9.36 6.79
C ARG A 119 -6.76 -8.86 5.71
N GLY A 120 -7.22 -8.86 4.46
CA GLY A 120 -6.42 -8.35 3.36
C GLY A 120 -5.41 -9.31 2.78
N ASP A 121 -5.25 -10.50 3.36
CA ASP A 121 -4.20 -11.40 2.89
C ASP A 121 -4.50 -11.88 1.48
N LEU A 122 -3.47 -11.83 0.63
CA LEU A 122 -3.58 -12.36 -0.72
C LEU A 122 -2.88 -13.69 -0.90
N GLY A 123 -2.14 -14.17 0.10
CA GLY A 123 -1.33 -15.35 -0.07
C GLY A 123 0.01 -15.01 -0.70
N ALA A 124 0.75 -16.05 -1.02
CA ALA A 124 2.06 -15.93 -1.64
C ALA A 124 1.91 -15.91 -3.16
N PHE A 125 2.79 -15.15 -3.80
CA PHE A 125 2.73 -15.02 -5.25
C PHE A 125 4.12 -14.76 -5.80
N SER A 126 4.27 -15.04 -7.11
CA SER A 126 5.48 -14.82 -7.85
C SER A 126 5.33 -13.60 -8.73
N ARG A 127 6.43 -13.16 -9.34
CA ARG A 127 6.35 -12.15 -10.38
C ARG A 127 5.57 -12.70 -11.57
N GLY A 128 4.79 -11.83 -12.21
CA GLY A 128 3.95 -12.23 -13.31
C GLY A 128 2.56 -12.71 -12.94
N GLN A 129 2.07 -12.41 -11.73
CA GLN A 129 0.70 -12.76 -11.33
C GLN A 129 -0.17 -11.55 -11.02
N MET A 130 0.35 -10.55 -10.32
CA MET A 130 -0.46 -9.43 -9.91
C MET A 130 -0.27 -8.28 -10.89
N GLN A 131 -1.08 -7.24 -10.75
CA GLN A 131 -0.86 -6.06 -11.62
C GLN A 131 0.50 -5.45 -11.34
N LYS A 132 1.13 -4.92 -12.39
CA LYS A 132 2.54 -4.57 -12.31
C LYS A 132 2.89 -3.63 -11.16
N PRO A 133 2.23 -2.49 -10.95
CA PRO A 133 2.66 -1.61 -9.85
C PRO A 133 2.51 -2.24 -8.48
N PHE A 134 1.48 -3.07 -8.30
CA PHE A 134 1.34 -3.86 -7.08
C PHE A 134 2.50 -4.86 -6.90
N GLU A 135 2.81 -5.60 -7.96
CA GLU A 135 3.92 -6.55 -7.88
C GLU A 135 5.25 -5.87 -7.58
N ASP A 136 5.55 -4.78 -8.29
CA ASP A 136 6.83 -4.12 -8.05
C ASP A 136 6.95 -3.64 -6.62
N ALA A 137 5.87 -3.07 -6.07
CA ALA A 137 5.93 -2.58 -4.70
C ALA A 137 6.12 -3.73 -3.72
N SER A 138 5.41 -4.84 -3.96
CA SER A 138 5.49 -5.98 -3.06
C SER A 138 6.91 -6.53 -2.97
N PHE A 139 7.58 -6.68 -4.12
CA PHE A 139 8.93 -7.24 -4.13
C PHE A 139 9.99 -6.26 -3.68
N ALA A 140 9.67 -4.95 -3.62
CA ALA A 140 10.59 -3.96 -3.10
C ALA A 140 10.44 -3.78 -1.59
N LEU A 141 9.33 -4.23 -1.03
CA LEU A 141 9.15 -4.17 0.41
C LEU A 141 9.96 -5.26 1.10
N ARG A 142 10.44 -4.94 2.30
CA ARG A 142 11.06 -5.93 3.16
C ARG A 142 9.97 -6.59 4.00
N THR A 143 10.24 -7.81 4.50
CA THR A 143 9.25 -8.45 5.38
C THR A 143 8.96 -7.55 6.58
N GLY A 144 7.68 -7.27 6.78
CA GLY A 144 7.25 -6.41 7.87
C GLY A 144 7.06 -4.96 7.47
N GLU A 145 7.42 -4.58 6.25
CA GLU A 145 7.35 -3.20 5.82
C GLU A 145 6.03 -2.93 5.10
N MET A 146 5.60 -1.67 5.12
CA MET A 146 4.33 -1.32 4.50
C MET A 146 4.60 -0.24 3.46
N SER A 147 3.82 -0.28 2.40
CA SER A 147 3.98 0.69 1.31
C SER A 147 3.27 1.99 1.64
N GLY A 148 3.53 3.02 0.80
CA GLY A 148 2.64 4.15 0.73
C GLY A 148 1.54 3.85 -0.27
N PRO A 149 0.86 4.88 -0.77
CA PRO A 149 -0.19 4.63 -1.76
C PRO A 149 0.40 4.06 -3.04
N VAL A 150 -0.19 2.95 -3.50
CA VAL A 150 0.20 2.31 -4.76
C VAL A 150 -0.98 2.28 -5.71
N PHE A 151 -0.79 2.84 -6.90
CA PHE A 151 -1.89 2.99 -7.85
C PHE A 151 -1.93 1.85 -8.85
N THR A 152 -3.10 1.21 -9.00
CA THR A 152 -3.33 0.26 -10.09
C THR A 152 -4.65 0.58 -10.78
N ASP A 153 -4.99 -0.21 -11.80
CA ASP A 153 -6.32 -0.07 -12.38
C ASP A 153 -7.45 -0.47 -11.45
N SER A 154 -7.17 -1.20 -10.35
CA SER A 154 -8.24 -1.46 -9.37
C SER A 154 -8.54 -0.25 -8.51
N GLY A 155 -7.57 0.61 -8.27
CA GLY A 155 -7.76 1.70 -7.33
C GLY A 155 -6.44 2.03 -6.66
N ILE A 156 -6.52 2.39 -5.39
CA ILE A 156 -5.35 2.77 -4.60
C ILE A 156 -5.19 1.77 -3.46
N HIS A 157 -3.96 1.30 -3.27
CA HIS A 157 -3.63 0.21 -2.33
C HIS A 157 -2.65 0.68 -1.27
N ILE A 158 -2.79 0.12 -0.06
CA ILE A 158 -1.74 0.03 0.94
C ILE A 158 -1.34 -1.43 1.01
N ILE A 159 -0.03 -1.72 0.92
CA ILE A 159 0.46 -3.11 0.88
C ILE A 159 1.35 -3.38 2.10
N LEU A 160 1.11 -4.52 2.76
CA LEU A 160 1.94 -4.95 3.88
C LEU A 160 2.58 -6.30 3.53
N ARG A 161 3.91 -6.33 3.49
CA ARG A 161 4.58 -7.59 3.17
C ARG A 161 4.71 -8.41 4.45
N THR A 162 4.15 -9.62 4.45
CA THR A 162 4.14 -10.45 5.64
C THR A 162 5.15 -11.58 5.61
N GLU A 163 5.55 -12.06 4.44
CA GLU A 163 6.57 -13.10 4.31
C GLU A 163 7.39 -12.87 3.06
N1 A1ED7 B . -6.21 -5.67 -7.41
N3 A1ED7 B . -2.95 -6.77 -8.13
C1 A1ED7 B . -4.99 -6.19 -7.39
C2 A1ED7 B . -2.93 -7.30 -6.96
N2 A1ED7 B . -4.14 -6.11 -8.40
S1 A1ED7 B . -4.35 -7.05 -6.02
O1 PE8 C . 5.61 4.90 4.55
C2 PE8 C . 4.35 4.95 3.91
C3 PE8 C . 3.92 6.35 3.60
O4 PE8 C . 3.66 7.05 4.81
C5 PE8 C . 3.25 8.39 4.58
C6 PE8 C . 2.96 9.06 5.88
O7 PE8 C . 4.11 9.00 6.70
C8 PE8 C . 3.99 9.75 7.90
C9 PE8 C . 5.23 9.57 8.71
O10 PE8 C . 6.36 10.01 7.95
C11 PE8 C . 7.57 9.94 8.69
C12 PE8 C . 8.71 10.35 7.81
O13 PE8 C . 8.41 11.61 7.25
C14 PE8 C . 9.49 12.12 6.48
C15 PE8 C . 9.08 13.39 5.85
O16 PE8 C . 7.95 13.16 5.02
C17 PE8 C . 7.61 14.31 4.25
C18 PE8 C . 6.33 14.05 3.52
O19 PE8 C . 6.42 12.83 2.80
C20 PE8 C . 5.19 12.44 2.21
C21 PE8 C . 4.08 12.50 3.22
O22 PE8 C . 2.93 11.84 2.69
C23 PE8 C . 1.72 12.13 3.41
C24 PE8 C . 1.00 13.27 2.77
O25 PE8 C . -0.29 13.46 3.33
S SO4 D . -10.84 -4.69 -10.42
O1 SO4 D . -9.45 -5.15 -10.35
O2 SO4 D . -10.86 -3.23 -10.46
O3 SO4 D . -11.44 -5.21 -11.65
O4 SO4 D . -11.59 -5.16 -9.26
S SO4 E . -16.53 7.59 0.99
O1 SO4 E . -17.92 7.94 0.65
O2 SO4 E . -15.66 7.79 -0.16
O3 SO4 E . -16.07 8.43 2.11
O4 SO4 E . -16.49 6.19 1.42
S SO4 F . -14.09 -10.51 -6.87
O1 SO4 F . -14.96 -10.92 -7.97
O2 SO4 F . -12.72 -10.32 -7.36
O3 SO4 F . -14.58 -9.25 -6.30
O4 SO4 F . -14.07 -11.56 -5.85
#